data_4WPN
#
_entry.id   4WPN
#
_cell.length_a   109.095
_cell.length_b   109.095
_cell.length_c   83.256
_cell.angle_alpha   90.00
_cell.angle_beta   90.00
_cell.angle_gamma   90.00
#
_symmetry.space_group_name_H-M   'P 4 2 2'
#
loop_
_entity.id
_entity.type
_entity.pdbx_description
1 polymer 'Retinal dehydrogenase 1'
2 non-polymer 1-{[1,3-dimethyl-7-(3-methylbutyl)-2,6-dioxo-2,3,6,7-tetrahydro-1H-purin-8-yl]methyl}piperidine-4-carboxamide
3 non-polymer 'CHLORIDE ION'
4 non-polymer 'YTTERBIUM (III) ION'
5 water water
#
_entity_poly.entity_id   1
_entity_poly.type   'polypeptide(L)'
_entity_poly.pdbx_seq_one_letter_code
;MSSSGTPDLPVLLTDLKIQYTKIFINNEWHDSVSGKKFPVFNPATEEELCQVEEGDKEDVDKAVKAARQAFQIGSPWRTM
DASERGRLLYKLADLIERDRLLLATMESMNGGKLYSNAYLNDLAGCIKTLRYCAGWADKIQGRTIPIDGNFFTYTRHEPI
GVCGQIIPWNFPLVMLIWKIGPALSCGNTVVVKPAEQTPLTALHVASLIKEAGFPPGVVNIVPGYGPTAGAAISSHMDID
KVAFTGSTEVGKLIKEAAGKSNLKRVTLELGGKSPCIVLADADLDNAVEFAHHGVFYHQGQCCIAASRIFVEESIYDEFV
RRSVERAKKYILGNPLTPGVTQGPQIDKEQYDKILDLIESGKKEGAKLECGGGPWGNKGYFVQPTVFSNVTDEMRIAKEE
IFGPVQQIMKFKSLDDVIKRANNTFYGLSAGVFTKDIDKAITISSALQAGTVWVNCYGVVSAQCPFGGFKMSGNGRELGE
YGFHEYTEVKTVTVKISQKNS
;
_entity_poly.pdbx_strand_id   A
#
loop_
_chem_comp.id
_chem_comp.type
_chem_comp.name
_chem_comp.formula
3ST non-polymer 1-{[1,3-dimethyl-7-(3-methylbutyl)-2,6-dioxo-2,3,6,7-tetrahydro-1H-purin-8-yl]methyl}piperidine-4-carboxamide 'C19 H30 N6 O3'
CL non-polymer 'CHLORIDE ION' 'Cl -1'
YB non-polymer 'YTTERBIUM (III) ION' 'Yb 3'
#
# COMPACT_ATOMS: atom_id res chain seq x y z
N ASP A 8 7.91 -18.60 15.09
CA ASP A 8 9.23 -18.39 15.76
C ASP A 8 9.68 -16.94 15.55
N LEU A 9 9.89 -16.23 16.67
CA LEU A 9 10.12 -14.78 16.61
C LEU A 9 11.48 -14.39 17.20
N PRO A 10 12.53 -14.39 16.35
CA PRO A 10 13.82 -13.91 16.81
C PRO A 10 13.84 -12.39 16.90
N VAL A 11 14.73 -11.85 17.72
CA VAL A 11 14.86 -10.41 17.87
C VAL A 11 16.31 -9.96 17.69
N LEU A 12 16.48 -8.67 17.49
CA LEU A 12 17.79 -8.05 17.33
C LEU A 12 18.51 -8.06 18.68
N LEU A 13 19.73 -8.58 18.71
CA LEU A 13 20.50 -8.70 19.95
C LEU A 13 21.39 -7.48 20.24
N THR A 14 21.09 -6.33 19.63
CA THR A 14 21.74 -5.05 19.93
C THR A 14 20.74 -3.93 19.72
N ASP A 15 20.85 -2.84 20.48
CA ASP A 15 20.05 -1.65 20.22
C ASP A 15 20.23 -1.22 18.74
N LEU A 16 19.14 -0.77 18.12
CA LEU A 16 19.19 -0.30 16.75
C LEU A 16 19.88 1.05 16.69
N LYS A 17 20.82 1.19 15.76
CA LYS A 17 21.46 2.46 15.48
C LYS A 17 20.96 2.97 14.14
N ILE A 18 20.63 4.26 14.07
CA ILE A 18 20.13 4.83 12.84
C ILE A 18 21.31 5.40 12.06
N GLN A 19 21.45 4.92 10.82
CA GLN A 19 22.64 5.07 10.03
C GLN A 19 22.35 5.93 8.79
N TYR A 20 21.34 5.55 8.02
CA TYR A 20 21.04 6.23 6.76
C TYR A 20 19.92 7.25 6.93
N THR A 21 20.26 8.53 6.74
CA THR A 21 19.35 9.62 6.95
C THR A 21 19.44 10.70 5.87
N LYS A 22 20.04 10.38 4.72
CA LYS A 22 20.25 11.39 3.69
C LYS A 22 19.51 11.02 2.39
N ILE A 23 19.43 11.98 1.48
CA ILE A 23 18.83 11.80 0.15
C ILE A 23 19.72 10.91 -0.72
N PHE A 24 19.11 10.02 -1.50
CA PHE A 24 19.82 8.97 -2.23
C PHE A 24 19.61 9.19 -3.71
N ILE A 25 20.67 9.59 -4.40
CA ILE A 25 20.62 9.94 -5.82
C ILE A 25 21.91 9.49 -6.46
N ASN A 26 21.82 8.73 -7.56
CA ASN A 26 23.00 8.17 -8.22
C ASN A 26 23.87 7.29 -7.31
N ASN A 27 23.22 6.53 -6.43
CA ASN A 27 23.91 5.66 -5.44
C ASN A 27 24.92 6.35 -4.50
N GLU A 28 24.60 7.58 -4.13
N GLU A 28 24.65 7.60 -4.16
CA GLU A 28 25.40 8.34 -3.18
CA GLU A 28 25.44 8.32 -3.15
C GLU A 28 24.45 9.12 -2.27
C GLU A 28 24.50 9.20 -2.32
N TRP A 29 24.95 9.51 -1.11
CA TRP A 29 24.15 10.24 -0.12
C TRP A 29 24.32 11.75 -0.25
N HIS A 30 23.20 12.45 -0.38
CA HIS A 30 23.17 13.89 -0.63
C HIS A 30 22.50 14.61 0.54
N ASP A 31 23.08 15.73 0.96
CA ASP A 31 22.37 16.70 1.81
C ASP A 31 21.35 17.40 0.94
N SER A 32 20.28 17.88 1.57
CA SER A 32 19.29 18.71 0.89
C SER A 32 19.93 19.98 0.32
N VAL A 33 19.43 20.44 -0.83
CA VAL A 33 19.87 21.72 -1.42
C VAL A 33 19.68 22.91 -0.47
N SER A 34 18.59 22.90 0.30
CA SER A 34 18.30 23.98 1.25
C SER A 34 19.25 23.93 2.45
N GLY A 35 19.61 22.71 2.85
CA GLY A 35 20.42 22.48 4.05
C GLY A 35 19.56 21.97 5.20
N LYS A 36 18.24 22.07 5.05
CA LYS A 36 17.32 21.73 6.12
C LYS A 36 17.19 20.22 6.37
N LYS A 37 16.81 19.90 7.60
CA LYS A 37 16.46 18.55 8.01
C LYS A 37 15.07 18.58 8.64
N PHE A 38 14.46 17.40 8.79
CA PHE A 38 13.20 17.30 9.53
C PHE A 38 13.21 16.14 10.52
N PRO A 39 12.43 16.28 11.62
CA PRO A 39 12.44 15.23 12.63
C PRO A 39 11.59 14.02 12.24
N VAL A 40 11.99 12.84 12.71
CA VAL A 40 11.21 11.63 12.59
C VAL A 40 10.97 11.12 14.01
N PHE A 41 9.72 10.80 14.33
CA PHE A 41 9.31 10.45 15.69
C PHE A 41 8.92 9.00 15.82
N ASN A 42 8.97 8.50 17.05
CA ASN A 42 8.43 7.19 17.40
C ASN A 42 7.02 7.35 17.99
N PRO A 43 5.99 6.92 17.23
CA PRO A 43 4.58 7.15 17.63
C PRO A 43 4.13 6.54 18.96
N ALA A 44 4.87 5.55 19.46
CA ALA A 44 4.57 4.92 20.74
C ALA A 44 5.10 5.72 21.94
N THR A 45 6.11 6.55 21.72
CA THR A 45 6.65 7.40 22.80
C THR A 45 6.60 8.92 22.53
N GLU A 46 6.26 9.33 21.31
CA GLU A 46 6.31 10.74 20.88
C GLU A 46 7.70 11.33 20.91
N GLU A 47 8.71 10.46 21.07
CA GLU A 47 10.12 10.86 21.13
C GLU A 47 10.69 10.97 19.71
N GLU A 48 11.55 11.95 19.50
CA GLU A 48 12.26 12.11 18.25
C GLU A 48 13.30 11.00 18.14
N LEU A 49 13.30 10.29 17.02
CA LEU A 49 14.23 9.17 16.79
C LEU A 49 15.51 9.64 16.13
N CYS A 50 15.38 10.54 15.16
CA CYS A 50 16.51 11.16 14.47
C CYS A 50 16.02 12.31 13.60
N GLN A 51 16.94 12.92 12.87
CA GLN A 51 16.61 13.91 11.85
C GLN A 51 17.06 13.38 10.49
N VAL A 52 16.29 13.71 9.45
CA VAL A 52 16.52 13.24 8.07
C VAL A 52 16.55 14.47 7.15
N GLU A 53 17.35 14.39 6.07
CA GLU A 53 17.45 15.49 5.10
C GLU A 53 16.11 15.72 4.39
N GLU A 54 15.71 16.99 4.28
CA GLU A 54 14.40 17.34 3.74
C GLU A 54 14.49 17.71 2.28
N GLY A 55 13.91 16.86 1.43
CA GLY A 55 13.92 17.09 0.00
C GLY A 55 12.81 18.02 -0.42
N ASP A 56 13.07 18.78 -1.48
CA ASP A 56 12.11 19.75 -1.98
C ASP A 56 12.14 19.69 -3.51
N LYS A 57 11.38 20.58 -4.16
CA LYS A 57 11.38 20.71 -5.62
C LYS A 57 12.81 20.64 -6.15
N GLU A 58 13.66 21.48 -5.59
CA GLU A 58 15.04 21.61 -6.03
C GLU A 58 15.77 20.20 -5.99
N ASP A 59 15.47 19.36 -4.99
CA ASP A 59 16.09 18.01 -4.88
C ASP A 59 15.39 16.93 -5.71
N VAL A 60 14.08 17.06 -5.86
CA VAL A 60 13.34 16.19 -6.77
C VAL A 60 13.90 16.36 -8.18
N ASP A 61 14.43 17.53 -8.52
CA ASP A 61 14.99 17.77 -9.84
C ASP A 61 16.31 17.05 -10.07
N LYS A 62 17.16 16.99 -9.04
CA LYS A 62 18.39 16.21 -9.11
C LYS A 62 18.09 14.73 -9.23
N ALA A 63 17.07 14.26 -8.53
CA ALA A 63 16.67 12.85 -8.62
C ALA A 63 16.14 12.50 -10.00
N VAL A 64 15.31 13.37 -10.59
CA VAL A 64 14.74 13.13 -11.92
C VAL A 64 15.80 13.20 -13.02
N LYS A 65 16.69 14.17 -12.97
CA LYS A 65 17.80 14.24 -13.95
C LYS A 65 18.61 12.96 -13.91
N ALA A 66 18.87 12.44 -12.71
CA ALA A 66 19.59 11.16 -12.53
C ALA A 66 18.81 9.96 -13.09
N ALA A 67 17.52 9.91 -12.79
CA ALA A 67 16.65 8.87 -13.30
C ALA A 67 16.57 8.95 -14.81
N ARG A 68 16.51 10.16 -15.35
CA ARG A 68 16.44 10.32 -16.79
C ARG A 68 17.73 9.85 -17.43
N GLN A 69 18.86 10.13 -16.81
CA GLN A 69 20.14 9.76 -17.38
C GLN A 69 20.31 8.25 -17.39
N ALA A 70 19.94 7.60 -16.30
CA ALA A 70 20.02 6.16 -16.20
C ALA A 70 19.03 5.46 -17.17
N PHE A 71 18.02 6.18 -17.64
CA PHE A 71 17.05 5.61 -18.60
C PHE A 71 17.45 5.80 -20.08
N GLN A 72 18.52 6.54 -20.36
CA GLN A 72 18.86 6.88 -21.75
C GLN A 72 19.18 5.65 -22.58
N ILE A 73 18.77 5.61 -23.85
CA ILE A 73 19.18 4.57 -24.78
C ILE A 73 20.69 4.39 -24.72
N GLY A 74 21.14 3.14 -24.68
CA GLY A 74 22.57 2.83 -24.57
C GLY A 74 23.11 2.76 -23.14
N SER A 75 22.29 3.09 -22.15
CA SER A 75 22.78 3.05 -20.76
C SER A 75 22.85 1.60 -20.24
N PRO A 76 23.56 1.39 -19.12
CA PRO A 76 23.61 0.04 -18.56
C PRO A 76 22.26 -0.59 -18.20
N TRP A 77 21.36 0.18 -17.61
CA TRP A 77 20.03 -0.30 -17.26
C TRP A 77 19.17 -0.61 -18.48
N ARG A 78 19.31 0.17 -19.55
CA ARG A 78 18.56 -0.09 -20.77
C ARG A 78 19.10 -1.26 -21.59
N THR A 79 20.42 -1.46 -21.55
CA THR A 79 21.07 -2.49 -22.38
C THR A 79 21.31 -3.85 -21.69
N MET A 80 21.25 -3.92 -20.36
CA MET A 80 21.47 -5.21 -19.70
C MET A 80 20.33 -6.18 -19.99
N ASP A 81 20.62 -7.47 -19.89
CA ASP A 81 19.64 -8.48 -20.18
C ASP A 81 18.50 -8.29 -19.20
N ALA A 82 17.28 -8.54 -19.65
CA ALA A 82 16.14 -8.55 -18.72
C ALA A 82 16.36 -9.54 -17.58
N SER A 83 16.94 -10.69 -17.88
CA SER A 83 17.24 -11.67 -16.83
C SER A 83 18.20 -11.12 -15.75
N GLU A 84 19.08 -10.19 -16.13
N GLU A 84 19.06 -10.19 -16.13
CA GLU A 84 19.98 -9.53 -15.18
CA GLU A 84 19.96 -9.55 -15.18
C GLU A 84 19.26 -8.50 -14.30
C GLU A 84 19.28 -8.48 -14.31
N ARG A 85 18.28 -7.78 -14.85
CA ARG A 85 17.40 -6.97 -14.01
C ARG A 85 16.75 -7.88 -12.95
N GLY A 86 16.32 -9.06 -13.37
CA GLY A 86 15.70 -10.04 -12.46
C GLY A 86 16.65 -10.49 -11.38
N ARG A 87 17.88 -10.77 -11.80
CA ARG A 87 18.95 -11.15 -10.89
C ARG A 87 19.20 -10.10 -9.81
N LEU A 88 19.26 -8.83 -10.22
CA LEU A 88 19.47 -7.74 -9.26
C LEU A 88 18.34 -7.71 -8.24
N LEU A 89 17.12 -7.87 -8.71
CA LEU A 89 15.97 -7.89 -7.81
C LEU A 89 15.98 -9.06 -6.81
N TYR A 90 16.38 -10.25 -7.27
N TYR A 90 16.39 -10.25 -7.25
CA TYR A 90 16.54 -11.42 -6.39
CA TYR A 90 16.49 -11.41 -6.34
C TYR A 90 17.63 -11.15 -5.35
C TYR A 90 17.66 -11.24 -5.37
N LYS A 91 18.73 -10.58 -5.81
CA LYS A 91 19.83 -10.22 -4.90
C LYS A 91 19.35 -9.24 -3.84
N LEU A 92 18.58 -8.24 -4.25
CA LEU A 92 18.06 -7.26 -3.30
C LEU A 92 17.16 -7.95 -2.27
N ALA A 93 16.35 -8.91 -2.70
CA ALA A 93 15.52 -9.66 -1.76
C ALA A 93 16.37 -10.45 -0.72
N ASP A 94 17.45 -11.08 -1.19
CA ASP A 94 18.35 -11.83 -0.32
C ASP A 94 18.97 -10.92 0.74
N LEU A 95 19.27 -9.68 0.34
CA LEU A 95 19.87 -8.70 1.24
C LEU A 95 18.89 -8.23 2.30
N ILE A 96 17.65 -8.03 1.90
CA ILE A 96 16.58 -7.68 2.83
C ILE A 96 16.33 -8.85 3.80
N GLU A 97 16.35 -10.07 3.28
CA GLU A 97 16.29 -11.27 4.13
C GLU A 97 17.45 -11.29 5.15
N ARG A 98 18.67 -10.98 4.68
CA ARG A 98 19.82 -10.83 5.58
C ARG A 98 19.58 -9.77 6.69
N ASP A 99 19.03 -8.63 6.31
CA ASP A 99 18.79 -7.57 7.29
C ASP A 99 17.38 -7.58 7.88
N ARG A 100 16.74 -8.75 7.88
CA ARG A 100 15.33 -8.87 8.29
C ARG A 100 15.10 -8.36 9.72
N LEU A 101 15.93 -8.80 10.66
CA LEU A 101 15.83 -8.36 12.05
C LEU A 101 15.91 -6.84 12.21
N LEU A 102 16.89 -6.20 11.57
CA LEU A 102 17.03 -4.75 11.72
C LEU A 102 15.93 -3.97 10.99
N LEU A 103 15.50 -4.47 9.85
CA LEU A 103 14.47 -3.76 9.11
C LEU A 103 13.12 -3.83 9.85
N ALA A 104 12.78 -4.98 10.41
CA ALA A 104 11.53 -5.16 11.16
C ALA A 104 11.48 -4.31 12.43
N THR A 105 12.64 -4.18 13.08
CA THR A 105 12.75 -3.40 14.30
C THR A 105 12.58 -1.94 13.92
N MET A 106 13.30 -1.52 12.88
CA MET A 106 13.22 -0.14 12.40
C MET A 106 11.79 0.17 11.99
N GLU A 107 11.16 -0.77 11.29
CA GLU A 107 9.77 -0.61 10.87
C GLU A 107 8.85 -0.47 12.08
N SER A 108 9.00 -1.38 13.05
CA SER A 108 8.19 -1.40 14.26
C SER A 108 8.35 -0.11 15.07
N MET A 109 9.59 0.32 15.29
CA MET A 109 9.91 1.54 16.04
C MET A 109 9.48 2.85 15.35
N ASN A 110 9.62 2.92 14.04
CA ASN A 110 9.32 4.16 13.30
C ASN A 110 7.83 4.25 12.97
N GLY A 111 7.23 3.12 12.60
CA GLY A 111 5.85 3.08 12.14
C GLY A 111 4.79 2.65 13.14
N GLY A 112 5.20 2.34 14.38
CA GLY A 112 4.26 1.95 15.43
C GLY A 112 3.61 0.60 15.20
N LYS A 113 4.36 -0.30 14.56
CA LYS A 113 3.83 -1.55 14.08
C LYS A 113 4.30 -2.71 14.96
N LEU A 114 3.37 -3.56 15.39
CA LEU A 114 3.70 -4.73 16.21
C LEU A 114 4.88 -5.49 15.62
N TYR A 115 5.89 -5.77 16.44
CA TYR A 115 7.11 -6.40 15.95
C TYR A 115 6.85 -7.79 15.37
N SER A 116 5.94 -8.57 15.97
CA SER A 116 5.61 -9.89 15.42
C SER A 116 5.05 -9.76 14.02
N ASN A 117 4.14 -8.82 13.79
CA ASN A 117 3.62 -8.57 12.45
C ASN A 117 4.71 -8.03 11.52
N ALA A 118 5.47 -7.03 11.98
CA ALA A 118 6.57 -6.48 11.17
C ALA A 118 7.55 -7.54 10.70
N TYR A 119 7.92 -8.44 11.60
CA TYR A 119 8.87 -9.49 11.28
C TYR A 119 8.27 -10.64 10.45
N LEU A 120 7.08 -11.09 10.84
CA LEU A 120 6.51 -12.31 10.26
C LEU A 120 5.65 -12.03 9.02
N ASN A 121 5.06 -10.84 8.94
CA ASN A 121 4.15 -10.50 7.86
C ASN A 121 4.78 -9.48 6.93
N ASP A 122 5.07 -8.29 7.42
CA ASP A 122 5.63 -7.25 6.55
C ASP A 122 6.93 -7.70 5.87
N LEU A 123 7.88 -8.23 6.63
CA LEU A 123 9.17 -8.57 6.02
C LEU A 123 9.06 -9.78 5.09
N ALA A 124 8.29 -10.79 5.50
CA ALA A 124 8.01 -11.93 4.62
C ALA A 124 7.35 -11.49 3.31
N GLY A 125 6.41 -10.55 3.41
CA GLY A 125 5.70 -10.05 2.22
C GLY A 125 6.58 -9.25 1.29
N CYS A 126 7.46 -8.43 1.86
N CYS A 126 7.44 -8.45 1.89
CA CYS A 126 8.46 -7.69 1.07
CA CYS A 126 8.45 -7.68 1.17
C CYS A 126 9.35 -8.62 0.28
C CYS A 126 9.39 -8.56 0.34
N ILE A 127 9.93 -9.61 0.98
CA ILE A 127 10.85 -10.56 0.36
C ILE A 127 10.16 -11.40 -0.72
N LYS A 128 9.01 -11.96 -0.39
CA LYS A 128 8.24 -12.76 -1.35
C LYS A 128 7.79 -11.96 -2.59
N THR A 129 7.40 -10.71 -2.40
CA THR A 129 6.88 -9.88 -3.50
C THR A 129 8.04 -9.48 -4.41
N LEU A 130 9.18 -9.08 -3.83
CA LEU A 130 10.39 -8.84 -4.63
C LEU A 130 10.80 -10.06 -5.43
N ARG A 131 10.77 -11.24 -4.80
CA ARG A 131 11.17 -12.43 -5.55
C ARG A 131 10.20 -12.74 -6.70
N TYR A 132 8.91 -12.50 -6.45
CA TYR A 132 7.89 -12.61 -7.48
C TYR A 132 8.18 -11.69 -8.65
N CYS A 133 8.39 -10.42 -8.36
CA CYS A 133 8.69 -9.41 -9.39
C CYS A 133 9.94 -9.72 -10.15
N ALA A 134 10.96 -10.21 -9.47
CA ALA A 134 12.20 -10.58 -10.14
C ALA A 134 11.97 -11.63 -11.24
N GLY A 135 11.05 -12.54 -11.02
CA GLY A 135 10.77 -13.59 -11.98
C GLY A 135 10.03 -13.13 -13.23
N TRP A 136 9.30 -12.02 -13.15
CA TRP A 136 8.67 -11.45 -14.33
C TRP A 136 9.62 -10.75 -15.30
N ALA A 137 10.82 -10.35 -14.86
CA ALA A 137 11.63 -9.42 -15.66
C ALA A 137 11.87 -9.89 -17.11
N ASP A 138 12.22 -11.15 -17.29
CA ASP A 138 12.52 -11.65 -18.63
C ASP A 138 11.36 -12.42 -19.23
N LYS A 139 10.18 -12.23 -18.68
CA LYS A 139 8.95 -12.84 -19.17
C LYS A 139 7.93 -11.77 -19.58
N ILE A 140 8.35 -10.52 -19.64
CA ILE A 140 7.52 -9.42 -20.17
C ILE A 140 7.71 -9.54 -21.69
N GLN A 141 6.63 -9.82 -22.40
CA GLN A 141 6.71 -10.03 -23.85
C GLN A 141 5.67 -9.21 -24.60
N GLY A 142 6.06 -8.74 -25.78
CA GLY A 142 5.08 -8.21 -26.73
C GLY A 142 4.48 -9.26 -27.65
N ARG A 143 4.05 -8.80 -28.82
CA ARG A 143 3.30 -9.63 -29.74
C ARG A 143 3.77 -9.46 -31.16
N THR A 144 3.50 -10.46 -31.97
CA THR A 144 3.52 -10.33 -33.42
C THR A 144 2.08 -10.51 -33.88
N ILE A 145 1.68 -9.65 -34.82
CA ILE A 145 0.28 -9.42 -35.08
C ILE A 145 0.00 -9.53 -36.56
N PRO A 146 -1.00 -10.33 -36.94
CA PRO A 146 -1.37 -10.52 -38.36
C PRO A 146 -2.22 -9.38 -38.94
N ILE A 147 -1.62 -8.20 -39.01
CA ILE A 147 -2.24 -6.99 -39.54
C ILE A 147 -2.74 -7.22 -40.99
N ASP A 148 -3.78 -6.50 -41.40
CA ASP A 148 -4.14 -6.47 -42.82
C ASP A 148 -2.99 -5.90 -43.67
N GLY A 149 -2.88 -6.35 -44.92
CA GLY A 149 -1.90 -5.84 -45.85
C GLY A 149 -0.54 -6.51 -45.72
N ASN A 150 0.37 -6.15 -46.62
CA ASN A 150 1.70 -6.76 -46.68
C ASN A 150 2.69 -6.05 -45.76
N PHE A 151 2.60 -6.43 -44.50
CA PHE A 151 3.36 -5.83 -43.42
C PHE A 151 3.70 -6.87 -42.38
N PHE A 152 4.82 -6.65 -41.71
CA PHE A 152 5.20 -7.38 -40.51
C PHE A 152 5.04 -6.40 -39.36
N THR A 153 4.18 -6.74 -38.40
CA THR A 153 3.88 -5.89 -37.27
C THR A 153 4.15 -6.60 -35.97
N TYR A 154 4.90 -5.93 -35.10
CA TYR A 154 5.16 -6.44 -33.76
C TYR A 154 5.05 -5.33 -32.73
N THR A 155 4.92 -5.73 -31.47
CA THR A 155 4.87 -4.74 -30.40
C THR A 155 6.03 -4.95 -29.43
N ARG A 156 6.52 -3.85 -28.87
CA ARG A 156 7.52 -3.90 -27.79
C ARG A 156 6.81 -3.41 -26.57
N HIS A 157 6.91 -4.15 -25.49
CA HIS A 157 6.45 -3.64 -24.18
C HIS A 157 7.63 -2.99 -23.47
N GLU A 158 7.87 -1.72 -23.80
CA GLU A 158 9.03 -0.98 -23.28
C GLU A 158 8.75 -0.50 -21.86
N PRO A 159 9.82 -0.23 -21.08
CA PRO A 159 9.54 0.55 -19.88
C PRO A 159 8.98 1.93 -20.24
N ILE A 160 8.20 2.55 -19.35
CA ILE A 160 7.68 3.89 -19.58
C ILE A 160 8.81 4.92 -19.48
N GLY A 161 9.60 4.82 -18.42
CA GLY A 161 10.64 5.81 -18.20
C GLY A 161 10.83 6.13 -16.73
N VAL A 162 10.84 7.41 -16.39
CA VAL A 162 11.08 7.81 -15.01
C VAL A 162 9.73 7.78 -14.30
N CYS A 163 9.63 6.98 -13.26
CA CYS A 163 8.42 6.81 -12.52
C CYS A 163 8.56 7.44 -11.14
N GLY A 164 7.68 8.38 -10.81
CA GLY A 164 7.61 8.95 -9.48
C GLY A 164 6.70 8.11 -8.62
N GLN A 165 7.15 7.76 -7.42
CA GLN A 165 6.42 6.80 -6.62
C GLN A 165 6.33 7.34 -5.21
N ILE A 166 5.10 7.51 -4.72
CA ILE A 166 4.86 8.13 -3.40
C ILE A 166 4.31 7.06 -2.44
N ILE A 167 5.08 6.74 -1.41
CA ILE A 167 4.83 5.60 -0.53
C ILE A 167 4.08 6.06 0.73
N PRO A 168 3.06 5.30 1.18
CA PRO A 168 2.37 5.66 2.41
C PRO A 168 3.12 5.27 3.68
N TRP A 169 2.60 5.71 4.83
CA TRP A 169 3.26 5.47 6.12
C TRP A 169 2.78 4.19 6.80
N ASN A 170 1.66 3.63 6.36
CA ASN A 170 1.09 2.47 7.03
C ASN A 170 1.84 1.15 6.81
N PHE A 171 2.35 0.95 5.61
CA PHE A 171 3.16 -0.24 5.30
C PHE A 171 4.36 0.21 4.47
N PRO A 172 5.31 0.91 5.12
CA PRO A 172 6.40 1.59 4.41
C PRO A 172 7.25 0.70 3.52
N LEU A 173 7.71 -0.43 4.06
CA LEU A 173 8.61 -1.33 3.37
C LEU A 173 7.84 -2.16 2.33
N VAL A 174 6.71 -2.71 2.73
CA VAL A 174 5.88 -3.48 1.81
C VAL A 174 5.51 -2.65 0.57
N MET A 175 5.04 -1.43 0.81
CA MET A 175 4.59 -0.57 -0.28
C MET A 175 5.74 -0.05 -1.12
N LEU A 176 6.89 0.19 -0.50
CA LEU A 176 8.10 0.50 -1.25
C LEU A 176 8.36 -0.61 -2.24
N ILE A 177 8.36 -1.85 -1.77
CA ILE A 177 8.58 -3.00 -2.68
C ILE A 177 7.46 -3.23 -3.71
N TRP A 178 6.20 -2.99 -3.35
CA TRP A 178 5.11 -3.05 -4.36
C TRP A 178 5.29 -2.08 -5.49
N LYS A 179 5.92 -0.94 -5.19
CA LYS A 179 6.19 0.08 -6.17
C LYS A 179 7.46 -0.23 -6.96
N ILE A 180 8.60 -0.35 -6.30
CA ILE A 180 9.84 -0.49 -7.05
C ILE A 180 10.00 -1.86 -7.73
N GLY A 181 9.41 -2.90 -7.15
CA GLY A 181 9.49 -4.25 -7.71
C GLY A 181 9.05 -4.34 -9.17
N PRO A 182 7.77 -4.08 -9.43
CA PRO A 182 7.27 -4.07 -10.80
C PRO A 182 7.95 -3.04 -11.69
N ALA A 183 8.16 -1.83 -11.16
CA ALA A 183 8.73 -0.75 -11.97
C ALA A 183 10.13 -1.15 -12.50
N LEU A 184 10.97 -1.66 -11.62
CA LEU A 184 12.31 -2.11 -11.99
C LEU A 184 12.32 -3.39 -12.84
N SER A 185 11.43 -4.31 -12.53
CA SER A 185 11.34 -5.55 -13.30
C SER A 185 11.08 -5.23 -14.78
N CYS A 186 10.24 -4.23 -15.03
CA CYS A 186 9.88 -3.80 -16.39
C CYS A 186 10.93 -2.89 -17.02
N GLY A 187 11.89 -2.40 -16.23
CA GLY A 187 13.00 -1.63 -16.76
C GLY A 187 12.95 -0.12 -16.63
N ASN A 188 12.02 0.35 -15.82
CA ASN A 188 11.91 1.77 -15.46
C ASN A 188 13.00 2.20 -14.48
N THR A 189 13.16 3.52 -14.36
CA THR A 189 13.94 4.12 -13.29
C THR A 189 12.96 4.85 -12.39
N VAL A 190 13.32 5.01 -11.12
CA VAL A 190 12.35 5.55 -10.17
C VAL A 190 12.93 6.67 -9.29
N VAL A 191 12.01 7.54 -8.88
CA VAL A 191 12.21 8.55 -7.88
C VAL A 191 11.11 8.30 -6.83
N VAL A 192 11.55 7.91 -5.64
CA VAL A 192 10.64 7.47 -4.59
C VAL A 192 10.59 8.53 -3.51
N LYS A 193 9.39 8.87 -3.03
CA LYS A 193 9.23 9.79 -1.89
C LYS A 193 8.51 9.02 -0.78
N PRO A 194 9.29 8.51 0.20
CA PRO A 194 8.61 7.82 1.29
C PRO A 194 7.83 8.81 2.13
N ALA A 195 6.91 8.30 2.95
CA ALA A 195 6.09 9.15 3.81
C ALA A 195 6.96 9.96 4.78
N GLU A 196 6.53 11.17 5.11
CA GLU A 196 7.28 12.01 6.07
C GLU A 196 7.42 11.32 7.43
N GLN A 197 6.42 10.54 7.80
CA GLN A 197 6.41 9.83 9.09
C GLN A 197 7.41 8.67 9.13
N THR A 198 7.65 8.04 7.98
CA THR A 198 8.32 6.74 7.93
C THR A 198 9.34 6.66 6.78
N PRO A 199 10.34 7.54 6.76
CA PRO A 199 11.36 7.47 5.71
C PRO A 199 12.49 6.45 5.94
N LEU A 200 12.63 5.94 7.16
CA LEU A 200 13.87 5.26 7.60
C LEU A 200 14.14 3.92 6.91
N THR A 201 13.14 3.04 6.85
CA THR A 201 13.35 1.75 6.21
C THR A 201 13.67 1.90 4.72
N ALA A 202 13.08 2.88 4.05
CA ALA A 202 13.39 3.14 2.63
C ALA A 202 14.85 3.48 2.41
N LEU A 203 15.42 4.28 3.31
CA LEU A 203 16.79 4.69 3.18
C LEU A 203 17.73 3.53 3.46
N HIS A 204 17.39 2.66 4.40
CA HIS A 204 18.16 1.43 4.56
C HIS A 204 18.12 0.57 3.29
N VAL A 205 16.93 0.41 2.71
CA VAL A 205 16.81 -0.40 1.49
C VAL A 205 17.70 0.23 0.40
N ALA A 206 17.73 1.56 0.35
CA ALA A 206 18.57 2.25 -0.63
C ALA A 206 20.01 1.80 -0.50
N SER A 207 20.53 1.73 0.74
CA SER A 207 21.86 1.21 0.96
C SER A 207 22.02 -0.19 0.36
N LEU A 208 20.99 -1.03 0.46
CA LEU A 208 21.04 -2.39 -0.09
C LEU A 208 20.94 -2.40 -1.63
N ILE A 209 20.29 -1.41 -2.20
CA ILE A 209 20.20 -1.26 -3.67
C ILE A 209 21.59 -0.98 -4.23
N LYS A 210 22.32 -0.07 -3.57
CA LYS A 210 23.72 0.15 -3.89
C LYS A 210 24.59 -1.11 -3.72
N GLU A 211 24.47 -1.78 -2.58
CA GLU A 211 25.19 -3.05 -2.35
C GLU A 211 24.89 -4.13 -3.41
N ALA A 212 23.64 -4.22 -3.84
CA ALA A 212 23.22 -5.25 -4.80
C ALA A 212 23.81 -5.04 -6.18
N GLY A 213 24.11 -3.79 -6.50
CA GLY A 213 24.79 -3.46 -7.74
C GLY A 213 23.89 -2.85 -8.81
N PHE A 214 22.78 -2.23 -8.42
CA PHE A 214 21.93 -1.53 -9.39
C PHE A 214 22.71 -0.38 -9.99
N PRO A 215 22.55 -0.12 -11.29
CA PRO A 215 23.31 1.01 -11.82
C PRO A 215 22.89 2.32 -11.15
N PRO A 216 23.82 3.27 -10.99
CA PRO A 216 23.42 4.54 -10.38
C PRO A 216 22.32 5.26 -11.17
N GLY A 217 21.38 5.84 -10.43
CA GLY A 217 20.25 6.56 -11.01
C GLY A 217 19.01 5.73 -11.26
N VAL A 218 19.13 4.41 -11.18
CA VAL A 218 17.98 3.52 -11.38
C VAL A 218 16.98 3.63 -10.22
N VAL A 219 17.49 3.74 -8.98
CA VAL A 219 16.61 4.07 -7.85
C VAL A 219 17.16 5.27 -7.09
N ASN A 220 16.31 6.28 -6.94
CA ASN A 220 16.62 7.46 -6.18
C ASN A 220 15.53 7.63 -5.11
N ILE A 221 15.93 7.93 -3.89
CA ILE A 221 14.98 8.07 -2.80
C ILE A 221 15.10 9.45 -2.15
N VAL A 222 13.99 10.19 -2.16
CA VAL A 222 14.00 11.59 -1.71
C VAL A 222 12.99 11.75 -0.58
N PRO A 223 13.45 11.64 0.68
CA PRO A 223 12.53 11.86 1.78
C PRO A 223 12.14 13.32 1.81
N GLY A 224 10.97 13.61 2.36
CA GLY A 224 10.45 14.97 2.45
C GLY A 224 8.95 14.98 2.63
N TYR A 225 8.35 16.16 2.45
CA TYR A 225 6.92 16.37 2.68
C TYR A 225 6.06 16.26 1.42
N GLY A 226 4.82 15.80 1.60
CA GLY A 226 3.87 15.70 0.50
C GLY A 226 3.73 17.02 -0.23
N PRO A 227 3.30 18.08 0.48
CA PRO A 227 3.05 19.38 -0.17
C PRO A 227 4.25 19.98 -0.91
N THR A 228 5.48 19.53 -0.60
CA THR A 228 6.68 20.05 -1.24
C THR A 228 7.30 19.02 -2.21
N ALA A 229 7.78 17.90 -1.67
CA ALA A 229 8.41 16.88 -2.49
C ALA A 229 7.40 16.06 -3.30
N GLY A 230 6.25 15.76 -2.70
CA GLY A 230 5.19 15.01 -3.38
C GLY A 230 4.54 15.79 -4.50
N ALA A 231 4.37 17.09 -4.27
CA ALA A 231 3.80 17.99 -5.26
C ALA A 231 4.77 18.21 -6.42
N ALA A 232 6.05 18.32 -6.08
CA ALA A 232 7.10 18.44 -7.10
C ALA A 232 7.12 17.22 -8.03
N ILE A 233 6.87 16.03 -7.51
CA ILE A 233 6.81 14.80 -8.32
C ILE A 233 5.60 14.81 -9.25
N SER A 234 4.44 15.07 -8.68
CA SER A 234 3.18 14.99 -9.41
C SER A 234 3.04 16.04 -10.51
N SER A 235 3.73 17.16 -10.35
CA SER A 235 3.69 18.26 -11.32
C SER A 235 4.95 18.35 -12.19
N HIS A 236 5.92 17.46 -12.01
CA HIS A 236 7.20 17.54 -12.72
C HIS A 236 7.06 17.24 -14.22
N MET A 237 7.75 18.02 -15.06
CA MET A 237 7.57 17.94 -16.51
C MET A 237 8.30 16.81 -17.24
N ASP A 238 9.29 16.20 -16.58
CA ASP A 238 10.07 15.07 -17.15
C ASP A 238 9.90 13.74 -16.40
N ILE A 239 8.82 13.62 -15.65
CA ILE A 239 8.44 12.37 -15.01
C ILE A 239 7.31 11.76 -15.83
N ASP A 240 7.50 10.52 -16.27
CA ASP A 240 6.60 9.89 -17.22
C ASP A 240 5.34 9.30 -16.58
N LYS A 241 5.46 8.91 -15.31
CA LYS A 241 4.37 8.26 -14.57
C LYS A 241 4.51 8.51 -13.08
N VAL A 242 3.36 8.65 -12.40
CA VAL A 242 3.31 8.75 -10.94
C VAL A 242 2.42 7.64 -10.36
N ALA A 243 2.93 6.98 -9.33
CA ALA A 243 2.15 6.02 -8.55
C ALA A 243 2.03 6.54 -7.13
N PHE A 244 0.84 6.39 -6.56
CA PHE A 244 0.55 6.95 -5.25
C PHE A 244 -0.38 6.02 -4.50
N THR A 245 -0.10 5.81 -3.21
CA THR A 245 -1.03 5.14 -2.32
C THR A 245 -1.27 6.05 -1.13
N GLY A 246 -2.54 6.28 -0.82
CA GLY A 246 -2.88 7.21 0.25
C GLY A 246 -4.35 7.53 0.22
N SER A 247 -4.69 8.73 0.67
CA SER A 247 -6.10 9.09 0.80
C SER A 247 -6.66 9.44 -0.57
N THR A 248 -7.97 9.27 -0.71
CA THR A 248 -8.69 9.67 -1.91
C THR A 248 -8.54 11.17 -2.15
N GLU A 249 -8.48 11.92 -1.07
CA GLU A 249 -8.35 13.37 -1.16
C GLU A 249 -7.08 13.82 -1.89
N VAL A 250 -5.94 13.26 -1.50
CA VAL A 250 -4.67 13.61 -2.12
C VAL A 250 -4.58 13.01 -3.53
N GLY A 251 -5.13 11.81 -3.67
CA GLY A 251 -5.25 11.18 -4.98
C GLY A 251 -5.85 12.07 -6.05
N LYS A 252 -6.87 12.82 -5.71
CA LYS A 252 -7.49 13.75 -6.67
C LYS A 252 -6.55 14.91 -7.05
N LEU A 253 -5.75 15.36 -6.09
CA LEU A 253 -4.76 16.40 -6.36
C LEU A 253 -3.66 15.87 -7.28
N ILE A 254 -3.19 14.64 -7.01
CA ILE A 254 -2.18 14.01 -7.85
C ILE A 254 -2.67 13.97 -9.31
N LYS A 255 -3.87 13.43 -9.50
CA LYS A 255 -4.45 13.29 -10.84
C LYS A 255 -4.67 14.64 -11.55
N GLU A 256 -4.99 15.68 -10.80
CA GLU A 256 -5.14 17.02 -11.36
C GLU A 256 -3.78 17.60 -11.77
N ALA A 257 -2.78 17.40 -10.91
CA ALA A 257 -1.44 17.93 -11.17
C ALA A 257 -0.83 17.29 -12.43
N ALA A 258 -1.03 15.99 -12.60
CA ALA A 258 -0.58 15.29 -13.80
C ALA A 258 -1.24 15.90 -15.04
N GLY A 259 -2.55 16.10 -14.96
CA GLY A 259 -3.29 16.77 -16.02
C GLY A 259 -2.75 18.14 -16.41
N LYS A 260 -2.54 19.01 -15.43
CA LYS A 260 -2.09 20.37 -15.69
C LYS A 260 -0.67 20.44 -16.23
N SER A 261 0.17 19.48 -15.86
CA SER A 261 1.59 19.53 -16.19
C SER A 261 1.89 18.89 -17.53
N ASN A 262 2.12 17.58 -17.54
CA ASN A 262 2.64 16.88 -18.72
C ASN A 262 1.88 15.60 -19.10
N LEU A 263 0.66 15.47 -18.60
CA LEU A 263 -0.18 14.31 -18.88
C LEU A 263 0.51 12.98 -18.52
N LYS A 264 1.35 13.01 -17.50
CA LYS A 264 2.01 11.80 -17.03
C LYS A 264 0.97 10.75 -16.67
N ARG A 265 1.31 9.49 -16.87
CA ARG A 265 0.41 8.39 -16.50
C ARG A 265 0.25 8.37 -14.98
N VAL A 266 -0.91 7.95 -14.51
CA VAL A 266 -1.22 7.99 -13.09
C VAL A 266 -1.88 6.68 -12.62
N THR A 267 -1.33 6.06 -11.57
CA THR A 267 -2.03 4.98 -10.89
C THR A 267 -2.14 5.35 -9.43
N LEU A 268 -3.30 5.03 -8.86
CA LEU A 268 -3.65 5.45 -7.51
C LEU A 268 -4.23 4.25 -6.77
N GLU A 269 -3.79 4.04 -5.54
CA GLU A 269 -4.45 3.11 -4.64
C GLU A 269 -4.86 3.93 -3.44
N LEU A 270 -6.16 4.06 -3.23
CA LEU A 270 -6.66 5.08 -2.34
C LEU A 270 -7.43 4.42 -1.22
N GLY A 271 -8.25 5.19 -0.51
CA GLY A 271 -8.96 4.61 0.62
C GLY A 271 -10.06 3.63 0.30
N GLY A 272 -10.71 3.18 1.36
CA GLY A 272 -11.85 2.31 1.22
C GLY A 272 -12.86 2.56 2.33
N LYS A 273 -14.04 2.02 2.12
CA LYS A 273 -14.99 1.82 3.19
C LYS A 273 -15.58 0.44 2.91
N SER A 274 -14.73 -0.57 3.05
CA SER A 274 -15.01 -1.90 2.50
C SER A 274 -16.04 -2.66 3.33
N PRO A 275 -17.04 -3.25 2.66
CA PRO A 275 -18.07 -3.98 3.37
C PRO A 275 -17.86 -5.49 3.41
N CYS A 276 -18.42 -6.11 4.43
CA CYS A 276 -18.59 -7.54 4.51
C CYS A 276 -20.06 -7.83 4.58
N ILE A 277 -20.48 -8.92 3.94
CA ILE A 277 -21.87 -9.36 4.02
C ILE A 277 -21.84 -10.76 4.60
N VAL A 278 -22.47 -10.93 5.76
CA VAL A 278 -22.48 -12.19 6.47
C VAL A 278 -23.87 -12.82 6.43
N LEU A 279 -24.03 -13.88 5.65
CA LEU A 279 -25.35 -14.53 5.49
C LEU A 279 -25.62 -15.45 6.67
N ALA A 280 -26.91 -15.73 6.90
CA ALA A 280 -27.35 -16.55 8.02
C ALA A 280 -26.71 -17.95 8.01
N ASP A 281 -26.34 -18.46 6.85
CA ASP A 281 -25.78 -19.81 6.77
C ASP A 281 -24.28 -19.88 6.95
N ALA A 282 -23.64 -18.74 7.20
CA ALA A 282 -22.19 -18.71 7.30
C ALA A 282 -21.67 -19.44 8.52
N ASP A 283 -20.43 -19.91 8.42
CA ASP A 283 -19.69 -20.37 9.60
C ASP A 283 -19.44 -19.14 10.45
N LEU A 284 -20.18 -19.03 11.56
CA LEU A 284 -20.23 -17.78 12.33
C LEU A 284 -18.89 -17.39 12.97
N ASP A 285 -18.24 -18.35 13.61
CA ASP A 285 -16.94 -18.11 14.24
C ASP A 285 -15.86 -17.69 13.22
N ASN A 286 -15.84 -18.35 12.07
CA ASN A 286 -14.90 -17.96 11.01
C ASN A 286 -15.18 -16.52 10.52
N ALA A 287 -16.45 -16.18 10.31
CA ALA A 287 -16.84 -14.83 9.89
C ALA A 287 -16.49 -13.78 10.94
N VAL A 288 -16.80 -14.07 12.20
CA VAL A 288 -16.40 -13.19 13.29
C VAL A 288 -14.88 -12.94 13.30
N GLU A 289 -14.08 -14.00 13.16
CA GLU A 289 -12.64 -13.85 13.30
C GLU A 289 -12.04 -13.06 12.14
N PHE A 290 -12.44 -13.36 10.90
CA PHE A 290 -11.88 -12.66 9.74
C PHE A 290 -12.35 -11.19 9.67
N ALA A 291 -13.61 -10.95 10.00
CA ALA A 291 -14.14 -9.59 10.02
C ALA A 291 -13.43 -8.74 11.10
N HIS A 292 -13.15 -9.38 12.24
CA HIS A 292 -12.40 -8.74 13.31
C HIS A 292 -11.02 -8.31 12.86
N HIS A 293 -10.22 -9.28 12.41
CA HIS A 293 -8.89 -8.98 11.91
C HIS A 293 -8.96 -8.01 10.75
N GLY A 294 -10.02 -8.15 9.95
CA GLY A 294 -10.23 -7.29 8.80
C GLY A 294 -10.25 -5.81 9.13
N VAL A 295 -10.86 -5.45 10.25
CA VAL A 295 -10.95 -4.04 10.66
C VAL A 295 -9.85 -3.62 11.64
N PHE A 296 -9.35 -4.54 12.46
CA PHE A 296 -8.40 -4.21 13.52
C PHE A 296 -6.93 -4.37 13.15
N TYR A 297 -6.66 -4.98 12.00
CA TYR A 297 -5.27 -5.19 11.62
C TYR A 297 -4.49 -3.88 11.57
N HIS A 298 -3.30 -3.89 12.18
CA HIS A 298 -2.43 -2.71 12.24
C HIS A 298 -3.17 -1.44 12.69
N GLN A 299 -3.92 -1.58 13.79
CA GLN A 299 -4.58 -0.44 14.39
C GLN A 299 -5.61 0.20 13.43
N GLY A 300 -6.22 -0.62 12.56
CA GLY A 300 -7.20 -0.11 11.59
C GLY A 300 -6.62 0.69 10.44
N GLN A 301 -5.30 0.68 10.30
CA GLN A 301 -4.64 1.59 9.37
C GLN A 301 -4.38 0.88 8.05
N CYS A 302 -5.42 0.24 7.51
CA CYS A 302 -5.35 -0.46 6.25
C CYS A 302 -6.39 0.10 5.32
N CYS A 303 -5.99 0.34 4.07
N CYS A 303 -6.01 0.33 4.06
CA CYS A 303 -6.90 0.79 3.01
CA CYS A 303 -6.91 0.83 3.06
C CYS A 303 -8.11 -0.13 2.87
C CYS A 303 -8.09 -0.14 2.82
N ILE A 304 -7.89 -1.43 3.07
CA ILE A 304 -8.93 -2.45 2.92
C ILE A 304 -9.70 -2.79 4.19
N ALA A 305 -9.57 -1.99 5.25
CA ALA A 305 -10.31 -2.22 6.49
C ALA A 305 -11.76 -2.59 6.26
N ALA A 306 -12.22 -3.69 6.86
CA ALA A 306 -13.62 -4.13 6.79
C ALA A 306 -14.49 -3.27 7.71
N SER A 307 -14.73 -2.03 7.28
CA SER A 307 -15.25 -1.01 8.15
C SER A 307 -16.76 -0.88 8.11
N ARG A 308 -17.42 -1.77 7.35
CA ARG A 308 -18.88 -1.91 7.42
C ARG A 308 -19.24 -3.38 7.37
N ILE A 309 -19.78 -3.91 8.47
CA ILE A 309 -20.09 -5.33 8.53
C ILE A 309 -21.60 -5.51 8.63
N PHE A 310 -22.19 -6.05 7.57
CA PHE A 310 -23.63 -6.28 7.48
C PHE A 310 -23.94 -7.75 7.80
N VAL A 311 -24.74 -7.98 8.81
CA VAL A 311 -24.98 -9.34 9.30
C VAL A 311 -26.49 -9.62 9.29
N GLU A 312 -26.87 -10.75 8.71
CA GLU A 312 -28.30 -11.07 8.58
C GLU A 312 -28.92 -11.04 9.98
N GLU A 313 -30.12 -10.48 10.07
CA GLU A 313 -30.82 -10.22 11.34
C GLU A 313 -30.80 -11.36 12.35
N SER A 314 -31.03 -12.59 11.90
CA SER A 314 -31.20 -13.72 12.80
C SER A 314 -29.92 -14.14 13.52
N ILE A 315 -28.75 -13.78 12.98
CA ILE A 315 -27.47 -14.07 13.63
C ILE A 315 -26.73 -12.80 14.06
N TYR A 316 -27.39 -11.64 13.94
CA TYR A 316 -26.78 -10.35 14.23
C TYR A 316 -26.35 -10.21 15.69
N ASP A 317 -27.25 -10.54 16.60
CA ASP A 317 -26.97 -10.41 18.03
C ASP A 317 -25.77 -11.24 18.45
N GLU A 318 -25.78 -12.50 18.02
CA GLU A 318 -24.72 -13.43 18.32
C GLU A 318 -23.38 -13.01 17.70
N PHE A 319 -23.44 -12.42 16.50
CA PHE A 319 -22.24 -11.89 15.83
C PHE A 319 -21.68 -10.73 16.63
N VAL A 320 -22.56 -9.86 17.12
CA VAL A 320 -22.13 -8.68 17.86
C VAL A 320 -21.46 -9.10 19.16
N ARG A 321 -22.12 -9.99 19.90
CA ARG A 321 -21.59 -10.53 21.16
C ARG A 321 -20.19 -11.11 21.00
N ARG A 322 -20.03 -12.02 20.02
CA ARG A 322 -18.74 -12.66 19.78
C ARG A 322 -17.70 -11.67 19.32
N SER A 323 -18.13 -10.65 18.58
CA SER A 323 -17.20 -9.64 18.07
C SER A 323 -16.66 -8.82 19.24
N VAL A 324 -17.56 -8.29 20.07
CA VAL A 324 -17.16 -7.49 21.25
C VAL A 324 -16.24 -8.27 22.18
N GLU A 325 -16.53 -9.56 22.34
CA GLU A 325 -15.70 -10.48 23.12
C GLU A 325 -14.25 -10.54 22.61
N ARG A 326 -14.09 -10.61 21.29
CA ARG A 326 -12.77 -10.69 20.68
C ARG A 326 -12.02 -9.35 20.83
N ALA A 327 -12.73 -8.24 20.68
CA ALA A 327 -12.15 -6.90 20.76
C ALA A 327 -11.66 -6.54 22.15
N LYS A 328 -12.22 -7.18 23.18
CA LYS A 328 -11.88 -6.87 24.56
C LYS A 328 -10.67 -7.64 25.06
N LYS A 329 -10.00 -8.37 24.17
CA LYS A 329 -8.83 -9.16 24.54
C LYS A 329 -7.47 -8.52 24.22
N TYR A 330 -7.45 -7.26 23.76
CA TYR A 330 -6.18 -6.64 23.36
C TYR A 330 -5.33 -6.14 24.53
N ILE A 331 -4.04 -5.98 24.24
CA ILE A 331 -3.08 -5.47 25.20
C ILE A 331 -2.34 -4.34 24.51
N LEU A 332 -2.60 -3.12 24.95
CA LEU A 332 -2.01 -1.94 24.34
C LEU A 332 -0.62 -1.66 24.91
N GLY A 333 0.29 -1.14 24.10
CA GLY A 333 1.63 -0.81 24.56
C GLY A 333 2.63 -0.57 23.44
N ASN A 334 3.90 -0.49 23.78
CA ASN A 334 4.94 -0.26 22.79
C ASN A 334 5.02 -1.53 21.90
N PRO A 335 5.02 -1.37 20.58
CA PRO A 335 4.95 -2.55 19.69
C PRO A 335 6.19 -3.48 19.68
N LEU A 336 7.29 -3.04 20.30
CA LEU A 336 8.50 -3.87 20.43
C LEU A 336 8.50 -4.92 21.57
N THR A 337 7.52 -4.89 22.49
CA THR A 337 7.52 -5.78 23.65
C THR A 337 6.64 -7.00 23.39
N PRO A 338 7.16 -8.22 23.66
CA PRO A 338 6.30 -9.39 23.36
C PRO A 338 5.03 -9.39 24.22
N GLY A 339 3.97 -9.99 23.71
CA GLY A 339 2.67 -9.96 24.39
C GLY A 339 1.80 -8.75 24.07
N VAL A 340 2.41 -7.63 23.69
CA VAL A 340 1.66 -6.45 23.26
C VAL A 340 0.95 -6.76 21.93
N THR A 341 -0.34 -6.44 21.84
CA THR A 341 -1.14 -6.78 20.65
C THR A 341 -1.84 -5.59 19.97
N GLN A 342 -1.57 -4.38 20.46
CA GLN A 342 -2.02 -3.17 19.80
C GLN A 342 -1.08 -2.02 20.07
N GLY A 343 -0.46 -1.55 18.98
CA GLY A 343 0.43 -0.41 19.03
C GLY A 343 -0.35 0.88 18.86
N PRO A 344 0.38 2.00 18.71
CA PRO A 344 -0.26 3.30 18.58
C PRO A 344 -0.75 3.59 17.16
N GLN A 345 -1.54 4.65 17.02
CA GLN A 345 -1.78 5.27 15.72
C GLN A 345 -0.49 5.98 15.27
N ILE A 346 -0.40 6.29 13.97
CA ILE A 346 0.86 6.81 13.40
C ILE A 346 1.23 8.22 13.89
N ASP A 347 0.24 9.09 14.11
CA ASP A 347 0.51 10.47 14.47
C ASP A 347 -0.76 11.22 14.92
N LYS A 348 -0.59 12.49 15.29
CA LYS A 348 -1.64 13.29 15.91
C LYS A 348 -2.83 13.58 14.99
N GLU A 349 -2.55 13.90 13.73
CA GLU A 349 -3.60 14.18 12.76
C GLU A 349 -4.55 13.00 12.68
N GLN A 350 -3.98 11.81 12.48
CA GLN A 350 -4.75 10.58 12.40
C GLN A 350 -5.48 10.28 13.69
N TYR A 351 -4.76 10.41 14.79
CA TYR A 351 -5.32 10.30 16.15
C TYR A 351 -6.51 11.22 16.33
N ASP A 352 -6.39 12.48 15.91
CA ASP A 352 -7.48 13.45 16.06
C ASP A 352 -8.69 13.07 15.24
N LYS A 353 -8.45 12.75 13.95
CA LYS A 353 -9.51 12.36 13.03
C LYS A 353 -10.30 11.17 13.56
N ILE A 354 -9.59 10.20 14.13
CA ILE A 354 -10.21 8.98 14.68
C ILE A 354 -11.11 9.29 15.89
N LEU A 355 -10.58 10.07 16.83
CA LEU A 355 -11.33 10.47 18.02
C LEU A 355 -12.54 11.32 17.64
N ASP A 356 -12.34 12.26 16.74
CA ASP A 356 -13.45 13.01 16.15
C ASP A 356 -14.53 12.07 15.64
N LEU A 357 -14.14 11.09 14.82
CA LEU A 357 -15.13 10.18 14.20
C LEU A 357 -15.85 9.27 15.21
N ILE A 358 -15.12 8.83 16.22
CA ILE A 358 -15.70 8.06 17.34
C ILE A 358 -16.79 8.86 18.07
N GLU A 359 -16.60 10.17 18.16
CA GLU A 359 -17.58 11.05 18.81
C GLU A 359 -18.86 11.19 18.00
N SER A 360 -18.72 11.33 16.69
CA SER A 360 -19.88 11.39 15.82
C SER A 360 -20.73 10.12 15.98
N GLY A 361 -20.06 8.97 16.11
CA GLY A 361 -20.75 7.70 16.36
C GLY A 361 -21.66 7.77 17.58
N LYS A 362 -21.05 8.03 18.73
CA LYS A 362 -21.78 8.18 19.98
C LYS A 362 -22.94 9.18 19.84
N LYS A 363 -22.62 10.33 19.28
CA LYS A 363 -23.54 11.46 19.15
C LYS A 363 -24.69 11.16 18.19
N GLU A 364 -24.36 10.67 17.00
CA GLU A 364 -25.39 10.34 16.01
C GLU A 364 -26.20 9.11 16.41
N GLY A 365 -25.80 8.45 17.49
CA GLY A 365 -26.64 7.45 18.15
C GLY A 365 -26.41 6.02 17.73
N ALA A 366 -25.14 5.63 17.55
CA ALA A 366 -24.79 4.24 17.39
C ALA A 366 -24.58 3.65 18.77
N LYS A 367 -24.78 2.35 18.93
CA LYS A 367 -24.59 1.71 20.23
C LYS A 367 -23.11 1.38 20.45
N LEU A 368 -22.50 2.02 21.45
CA LEU A 368 -21.09 1.79 21.76
C LEU A 368 -20.98 0.54 22.60
N GLU A 369 -20.27 -0.47 22.10
CA GLU A 369 -20.17 -1.77 22.76
C GLU A 369 -18.92 -1.92 23.60
N CYS A 370 -17.83 -1.25 23.22
CA CYS A 370 -16.61 -1.19 24.01
C CYS A 370 -15.72 -0.09 23.44
N GLY A 371 -14.70 0.30 24.21
CA GLY A 371 -13.76 1.32 23.76
C GLY A 371 -14.39 2.70 23.70
N GLY A 372 -13.96 3.51 22.74
CA GLY A 372 -14.51 4.85 22.56
C GLY A 372 -13.70 6.00 23.14
N GLY A 373 -12.48 5.72 23.61
CA GLY A 373 -11.59 6.76 24.10
C GLY A 373 -10.12 6.47 23.89
N PRO A 374 -9.25 7.42 24.25
CA PRO A 374 -7.80 7.22 24.15
C PRO A 374 -7.26 6.29 25.24
N TRP A 375 -5.95 6.04 25.21
CA TRP A 375 -5.30 5.21 26.22
C TRP A 375 -3.87 5.65 26.45
N GLY A 376 -3.45 5.65 27.71
CA GLY A 376 -2.07 5.97 28.09
C GLY A 376 -1.78 7.45 28.26
N ASN A 377 -0.60 7.76 28.80
CA ASN A 377 -0.11 9.15 28.96
C ASN A 377 0.86 9.57 27.86
N LYS A 378 1.37 8.59 27.10
CA LYS A 378 2.25 8.83 25.97
C LYS A 378 1.74 7.96 24.82
N GLY A 379 1.96 8.43 23.60
CA GLY A 379 1.63 7.68 22.39
C GLY A 379 0.30 8.11 21.78
N TYR A 380 0.02 7.66 20.58
CA TYR A 380 -1.25 7.98 19.93
C TYR A 380 -2.17 6.77 19.96
N PHE A 381 -2.48 6.32 21.18
CA PHE A 381 -3.28 5.11 21.40
C PHE A 381 -4.77 5.37 21.49
N VAL A 382 -5.55 4.58 20.74
CA VAL A 382 -7.00 4.59 20.78
C VAL A 382 -7.49 3.22 21.24
N GLN A 383 -8.43 3.18 22.17
CA GLN A 383 -8.97 1.91 22.62
C GLN A 383 -9.69 1.24 21.45
N PRO A 384 -9.55 -0.10 21.31
CA PRO A 384 -10.31 -0.73 20.25
C PRO A 384 -11.79 -0.49 20.47
N THR A 385 -12.50 -0.09 19.43
CA THR A 385 -13.86 0.39 19.58
C THR A 385 -14.80 -0.37 18.65
N VAL A 386 -15.93 -0.79 19.20
CA VAL A 386 -17.00 -1.47 18.45
C VAL A 386 -18.32 -0.74 18.61
N PHE A 387 -18.99 -0.49 17.49
CA PHE A 387 -20.34 0.09 17.43
C PHE A 387 -21.32 -0.89 16.79
N SER A 388 -22.43 -1.17 17.45
CA SER A 388 -23.53 -1.90 16.82
C SER A 388 -24.70 -0.97 16.53
N ASN A 389 -25.68 -1.48 15.79
CA ASN A 389 -26.83 -0.69 15.29
C ASN A 389 -26.41 0.59 14.58
N VAL A 390 -25.38 0.48 13.75
CA VAL A 390 -24.94 1.59 12.91
C VAL A 390 -25.87 1.65 11.71
N THR A 391 -26.16 2.86 11.24
CA THR A 391 -27.01 3.04 10.07
C THR A 391 -26.25 3.82 9.01
N ASP A 392 -26.76 3.74 7.77
CA ASP A 392 -25.99 4.13 6.57
C ASP A 392 -25.69 5.62 6.45
N GLU A 393 -26.41 6.45 7.20
CA GLU A 393 -26.25 7.89 7.11
C GLU A 393 -25.19 8.43 8.09
N MET A 394 -24.81 7.61 9.07
CA MET A 394 -23.86 8.05 10.10
C MET A 394 -22.48 8.29 9.51
N ARG A 395 -21.74 9.21 10.11
CA ARG A 395 -20.38 9.53 9.66
C ARG A 395 -19.47 8.30 9.72
N ILE A 396 -19.63 7.48 10.75
CA ILE A 396 -18.81 6.27 10.89
C ILE A 396 -19.11 5.14 9.86
N ALA A 397 -20.19 5.31 9.09
CA ALA A 397 -20.52 4.41 7.98
C ALA A 397 -20.14 4.99 6.61
N LYS A 398 -19.89 6.30 6.54
CA LYS A 398 -19.56 6.93 5.28
C LYS A 398 -18.07 7.24 5.15
N GLU A 399 -17.42 7.59 6.26
CA GLU A 399 -16.02 8.03 6.22
C GLU A 399 -15.01 6.99 6.66
N GLU A 400 -13.92 6.90 5.90
CA GLU A 400 -12.78 6.06 6.27
C GLU A 400 -12.22 6.59 7.58
N ILE A 401 -12.21 5.73 8.60
CA ILE A 401 -11.73 6.11 9.93
C ILE A 401 -10.21 5.95 9.99
N PHE A 402 -9.72 4.82 9.47
CA PHE A 402 -8.30 4.50 9.50
C PHE A 402 -7.82 4.34 10.94
N GLY A 403 -8.69 3.74 11.77
CA GLY A 403 -8.41 3.54 13.20
C GLY A 403 -9.13 2.29 13.72
N PRO A 404 -8.87 1.91 14.99
CA PRO A 404 -9.42 0.65 15.48
C PRO A 404 -10.89 0.79 15.87
N VAL A 405 -11.75 0.88 14.86
CA VAL A 405 -13.15 1.22 15.10
C VAL A 405 -14.00 0.40 14.16
N GLN A 406 -14.77 -0.52 14.72
CA GLN A 406 -15.55 -1.50 13.98
C GLN A 406 -17.02 -1.12 13.99
N GLN A 407 -17.63 -1.10 12.80
CA GLN A 407 -19.06 -0.81 12.60
C GLN A 407 -19.80 -2.09 12.26
N ILE A 408 -20.86 -2.40 13.00
CA ILE A 408 -21.68 -3.57 12.73
C ILE A 408 -23.16 -3.19 12.54
N MET A 409 -23.75 -3.74 11.49
CA MET A 409 -25.07 -3.32 10.97
C MET A 409 -25.89 -4.55 10.66
N LYS A 410 -27.22 -4.44 10.72
CA LYS A 410 -28.08 -5.58 10.41
C LYS A 410 -28.69 -5.43 9.03
N PHE A 411 -29.06 -6.55 8.42
CA PHE A 411 -29.85 -6.52 7.20
C PHE A 411 -30.79 -7.71 7.24
N LYS A 412 -31.88 -7.63 6.48
CA LYS A 412 -32.80 -8.74 6.31
C LYS A 412 -32.97 -9.15 4.84
N SER A 413 -32.79 -8.21 3.91
CA SER A 413 -32.96 -8.46 2.48
C SER A 413 -31.64 -8.40 1.73
N LEU A 414 -31.32 -9.46 0.98
CA LEU A 414 -30.07 -9.55 0.27
C LEU A 414 -29.94 -8.51 -0.86
N ASP A 415 -30.98 -8.35 -1.69
CA ASP A 415 -30.98 -7.29 -2.74
C ASP A 415 -30.62 -5.94 -2.14
N ASP A 416 -31.24 -5.64 -1.01
CA ASP A 416 -31.08 -4.33 -0.35
C ASP A 416 -29.64 -4.13 0.15
N VAL A 417 -29.10 -5.16 0.80
CA VAL A 417 -27.78 -5.03 1.43
C VAL A 417 -26.65 -4.91 0.40
N ILE A 418 -26.81 -5.54 -0.77
CA ILE A 418 -25.87 -5.37 -1.89
C ILE A 418 -25.89 -3.92 -2.38
N LYS A 419 -27.09 -3.36 -2.55
CA LYS A 419 -27.21 -1.95 -2.90
C LYS A 419 -26.58 -1.06 -1.82
N ARG A 420 -26.78 -1.40 -0.55
CA ARG A 420 -26.16 -0.65 0.55
C ARG A 420 -24.63 -0.80 0.53
N ALA A 421 -24.16 -2.02 0.31
CA ALA A 421 -22.71 -2.28 0.20
C ALA A 421 -22.08 -1.42 -0.91
N ASN A 422 -22.80 -1.32 -2.02
CA ASN A 422 -22.34 -0.62 -3.20
C ASN A 422 -22.56 0.88 -3.16
N ASN A 423 -23.32 1.34 -2.18
CA ASN A 423 -23.77 2.73 -2.12
C ASN A 423 -22.71 3.60 -1.46
N THR A 424 -21.60 3.80 -2.16
CA THR A 424 -20.43 4.50 -1.65
C THR A 424 -19.59 4.87 -2.85
N PHE A 425 -18.79 5.92 -2.73
CA PHE A 425 -17.83 6.26 -3.78
C PHE A 425 -16.58 5.39 -3.71
N TYR A 426 -16.40 4.67 -2.61
CA TYR A 426 -15.26 3.76 -2.45
C TYR A 426 -15.52 2.44 -3.18
N GLY A 427 -14.51 1.61 -3.28
CA GLY A 427 -14.66 0.31 -3.93
C GLY A 427 -13.40 -0.50 -3.97
N LEU A 428 -12.66 -0.53 -2.87
CA LEU A 428 -11.40 -1.25 -2.83
C LEU A 428 -11.55 -2.76 -2.66
N SER A 429 -12.43 -3.18 -1.75
CA SER A 429 -12.52 -4.58 -1.39
C SER A 429 -13.85 -4.91 -0.72
N ALA A 430 -14.14 -6.20 -0.57
CA ALA A 430 -15.34 -6.62 0.14
C ALA A 430 -15.22 -8.08 0.56
N GLY A 431 -16.07 -8.48 1.48
CA GLY A 431 -16.08 -9.85 2.00
C GLY A 431 -17.48 -10.41 1.99
N VAL A 432 -17.59 -11.71 1.67
CA VAL A 432 -18.85 -12.42 1.60
C VAL A 432 -18.69 -13.72 2.37
N PHE A 433 -19.57 -13.95 3.34
CA PHE A 433 -19.49 -15.15 4.16
C PHE A 433 -20.77 -15.96 4.03
N THR A 434 -20.64 -17.16 3.43
CA THR A 434 -21.75 -18.06 3.16
C THR A 434 -21.20 -19.44 2.81
N LYS A 435 -22.03 -20.47 2.95
CA LYS A 435 -21.67 -21.83 2.54
C LYS A 435 -22.28 -22.18 1.18
N ASP A 436 -23.12 -21.30 0.62
CA ASP A 436 -23.84 -21.57 -0.62
C ASP A 436 -23.09 -21.08 -1.85
N ILE A 437 -22.83 -22.02 -2.76
CA ILE A 437 -22.07 -21.79 -3.98
C ILE A 437 -22.66 -20.65 -4.79
N ASP A 438 -23.96 -20.71 -5.02
CA ASP A 438 -24.60 -19.74 -5.91
C ASP A 438 -24.49 -18.35 -5.31
N LYS A 439 -24.68 -18.25 -4.00
CA LYS A 439 -24.63 -16.96 -3.33
C LYS A 439 -23.21 -16.40 -3.39
N ALA A 440 -22.21 -17.25 -3.20
CA ALA A 440 -20.82 -16.79 -3.22
C ALA A 440 -20.46 -16.20 -4.59
N ILE A 441 -20.86 -16.90 -5.65
CA ILE A 441 -20.52 -16.47 -7.01
C ILE A 441 -21.34 -15.24 -7.39
N THR A 442 -22.65 -15.28 -7.14
CA THR A 442 -23.51 -14.17 -7.60
C THR A 442 -23.28 -12.91 -6.77
N ILE A 443 -23.08 -13.03 -5.45
CA ILE A 443 -22.83 -11.84 -4.65
C ILE A 443 -21.49 -11.19 -5.01
N SER A 444 -20.46 -12.00 -5.17
CA SER A 444 -19.16 -11.44 -5.45
C SER A 444 -19.13 -10.77 -6.83
N SER A 445 -19.91 -11.29 -7.77
CA SER A 445 -20.09 -10.64 -9.08
C SER A 445 -20.81 -9.29 -9.01
N ALA A 446 -21.78 -9.20 -8.11
CA ALA A 446 -22.57 -7.99 -7.94
C ALA A 446 -21.90 -6.87 -7.11
N LEU A 447 -20.86 -7.18 -6.34
CA LEU A 447 -20.18 -6.17 -5.51
C LEU A 447 -19.22 -5.33 -6.36
N GLN A 448 -19.30 -4.01 -6.21
CA GLN A 448 -18.47 -3.10 -6.95
C GLN A 448 -17.18 -2.87 -6.16
N ALA A 449 -16.35 -3.90 -6.13
CA ALA A 449 -15.12 -3.88 -5.33
C ALA A 449 -14.01 -4.59 -6.09
N GLY A 450 -12.79 -4.10 -5.93
CA GLY A 450 -11.65 -4.63 -6.66
C GLY A 450 -11.21 -6.01 -6.24
N THR A 451 -11.24 -6.29 -4.94
CA THR A 451 -11.03 -7.64 -4.43
C THR A 451 -12.22 -8.06 -3.55
N VAL A 452 -12.77 -9.22 -3.83
CA VAL A 452 -13.82 -9.79 -3.00
C VAL A 452 -13.32 -11.08 -2.40
N TRP A 453 -13.32 -11.16 -1.08
CA TRP A 453 -12.98 -12.40 -0.40
C TRP A 453 -14.25 -13.17 -0.05
N VAL A 454 -14.21 -14.49 -0.15
CA VAL A 454 -15.33 -15.35 0.20
C VAL A 454 -14.87 -16.24 1.34
N ASN A 455 -15.54 -16.07 2.48
CA ASN A 455 -15.23 -16.83 3.68
C ASN A 455 -13.84 -16.59 4.24
N CYS A 456 -13.27 -15.42 3.89
CA CYS A 456 -12.03 -14.93 4.45
C CYS A 456 -11.98 -13.41 4.26
N TYR A 457 -10.87 -12.79 4.64
CA TYR A 457 -10.69 -11.36 4.51
C TYR A 457 -9.21 -11.03 4.61
N GLY A 458 -8.79 -10.03 3.85
CA GLY A 458 -7.45 -9.49 3.96
C GLY A 458 -6.38 -10.42 3.43
N VAL A 459 -6.74 -11.29 2.49
CA VAL A 459 -5.77 -12.22 1.90
C VAL A 459 -5.17 -11.58 0.66
N VAL A 460 -3.92 -11.17 0.77
CA VAL A 460 -3.27 -10.39 -0.28
C VAL A 460 -1.97 -11.11 -0.61
N SER A 461 -1.69 -11.32 -1.89
CA SER A 461 -0.50 -12.06 -2.30
C SER A 461 0.03 -11.47 -3.60
N ALA A 462 1.32 -11.71 -3.85
CA ALA A 462 1.98 -11.07 -4.98
C ALA A 462 1.44 -11.57 -6.34
N GLN A 463 0.84 -12.76 -6.33
CA GLN A 463 0.43 -13.43 -7.55
C GLN A 463 -0.84 -12.84 -8.14
N CYS A 464 -1.61 -12.12 -7.33
CA CYS A 464 -2.86 -11.59 -7.87
C CYS A 464 -2.95 -10.07 -7.82
N PRO A 465 -3.71 -9.51 -8.77
CA PRO A 465 -3.78 -8.09 -8.90
C PRO A 465 -4.59 -7.49 -7.77
N PHE A 466 -4.25 -6.26 -7.40
CA PHE A 466 -4.84 -5.58 -6.28
C PHE A 466 -5.08 -4.11 -6.66
N GLY A 467 -6.31 -3.64 -6.44
CA GLY A 467 -6.68 -2.25 -6.74
C GLY A 467 -8.18 -2.01 -6.60
N GLY A 468 -8.59 -0.75 -6.74
CA GLY A 468 -9.95 -0.35 -6.45
C GLY A 468 -10.84 -0.10 -7.66
N PHE A 469 -12.14 -0.33 -7.46
CA PHE A 469 -13.17 0.26 -8.34
C PHE A 469 -13.38 1.71 -7.89
N LYS A 470 -13.97 2.51 -8.77
CA LYS A 470 -14.48 3.83 -8.39
C LYS A 470 -13.39 4.71 -7.76
N MET A 471 -13.71 5.46 -6.72
CA MET A 471 -12.74 6.39 -6.15
C MET A 471 -11.74 5.74 -5.17
N SER A 472 -11.71 4.41 -5.09
CA SER A 472 -10.66 3.72 -4.34
C SER A 472 -9.39 3.51 -5.15
N GLY A 473 -9.36 3.98 -6.40
CA GLY A 473 -8.16 3.88 -7.21
C GLY A 473 -8.35 3.74 -8.71
N ASN A 474 -7.22 3.85 -9.43
CA ASN A 474 -7.12 3.65 -10.87
C ASN A 474 -5.98 2.68 -11.07
N GLY A 475 -6.23 1.59 -11.80
CA GLY A 475 -5.15 0.65 -12.12
C GLY A 475 -5.04 -0.47 -11.09
N ARG A 476 -4.11 -1.38 -11.34
CA ARG A 476 -3.89 -2.55 -10.50
C ARG A 476 -2.41 -2.73 -10.22
N GLU A 477 -2.12 -3.30 -9.06
CA GLU A 477 -0.76 -3.58 -8.72
C GLU A 477 -0.58 -5.07 -8.58
N LEU A 478 0.64 -5.53 -8.84
CA LEU A 478 1.00 -6.93 -8.68
C LEU A 478 0.23 -7.84 -9.65
N GLY A 479 0.49 -9.13 -9.54
CA GLY A 479 -0.01 -10.10 -10.51
C GLY A 479 0.60 -9.84 -11.86
N GLU A 480 0.13 -10.55 -12.87
CA GLU A 480 0.51 -10.28 -14.26
C GLU A 480 0.05 -8.88 -14.69
N TYR A 481 -1.05 -8.44 -14.09
CA TYR A 481 -1.71 -7.19 -14.44
C TYR A 481 -0.96 -5.96 -14.11
N GLY A 482 -0.41 -5.95 -12.91
CA GLY A 482 0.26 -4.79 -12.40
C GLY A 482 1.42 -4.44 -13.29
N PHE A 483 2.02 -5.46 -13.91
CA PHE A 483 3.16 -5.24 -14.76
C PHE A 483 2.78 -4.48 -16.03
N HIS A 484 1.52 -4.53 -16.46
CA HIS A 484 1.08 -3.74 -17.61
C HIS A 484 1.12 -2.23 -17.37
N GLU A 485 0.82 -1.82 -16.14
CA GLU A 485 0.82 -0.42 -15.78
C GLU A 485 2.25 0.16 -15.79
N TYR A 486 3.28 -0.68 -15.83
CA TYR A 486 4.67 -0.19 -15.86
C TYR A 486 5.36 -0.35 -17.23
N THR A 487 4.59 -0.69 -18.26
CA THR A 487 5.10 -0.70 -19.62
C THR A 487 4.37 0.30 -20.53
N GLU A 488 5.04 0.70 -21.61
CA GLU A 488 4.47 1.54 -22.64
C GLU A 488 4.55 0.75 -23.94
N VAL A 489 3.43 0.53 -24.59
CA VAL A 489 3.41 -0.29 -25.79
C VAL A 489 3.76 0.48 -27.08
N LYS A 490 4.73 -0.02 -27.80
CA LYS A 490 5.11 0.51 -29.10
C LYS A 490 4.82 -0.50 -30.19
N THR A 491 4.08 -0.07 -31.21
CA THR A 491 3.82 -0.87 -32.37
C THR A 491 4.82 -0.53 -33.47
N VAL A 492 5.46 -1.57 -34.02
CA VAL A 492 6.37 -1.40 -35.15
C VAL A 492 5.77 -2.16 -36.35
N THR A 493 5.54 -1.41 -37.42
CA THR A 493 4.98 -1.96 -38.64
C THR A 493 5.95 -1.72 -39.82
N VAL A 494 6.38 -2.84 -40.39
CA VAL A 494 7.41 -2.89 -41.44
C VAL A 494 6.80 -3.35 -42.77
N LYS A 495 6.98 -2.53 -43.79
CA LYS A 495 6.53 -2.87 -45.15
C LYS A 495 7.32 -4.07 -45.66
N ILE A 496 6.64 -5.09 -46.18
CA ILE A 496 7.32 -6.21 -46.79
C ILE A 496 6.69 -6.47 -48.16
N SER A 497 7.43 -7.12 -49.04
CA SER A 497 6.93 -7.42 -50.38
C SER A 497 5.72 -8.36 -50.37
N GLN A 498 5.78 -9.39 -49.56
CA GLN A 498 4.67 -10.34 -49.46
C GLN A 498 4.64 -11.02 -48.11
N LYS A 499 3.48 -11.02 -47.44
CA LYS A 499 3.34 -11.75 -46.19
C LYS A 499 2.76 -13.15 -46.43
N ASN A 500 3.11 -14.06 -45.53
CA ASN A 500 2.54 -15.38 -45.47
C ASN A 500 2.19 -15.68 -44.03
N SER A 501 1.08 -16.37 -43.81
CA SER A 501 0.61 -16.69 -42.48
C SER A 501 1.64 -17.55 -41.72
C1 3ST B . -4.71 -6.16 6.18
C2 3ST B . -3.55 -7.09 6.17
C3 3ST B . -3.69 -8.44 6.67
C8 3ST B . -1.65 -8.11 6.00
N9 3ST B . -2.29 -6.93 5.78
C10 3ST B . -1.70 -5.71 5.22
C11 3ST B . -2.54 -5.16 4.05
C13 3ST B . -0.39 -4.16 3.12
C14 3ST B . -2.53 -4.06 1.80
C15 3ST B . -0.19 -8.37 5.70
C17 3ST B . 1.51 -7.38 4.19
C18 3ST B . 2.33 -8.27 3.26
C20 3ST B . 0.35 -9.37 2.38
C21 3ST B . -0.58 -8.55 3.26
C22 3ST B . 2.28 -8.90 0.82
C25 3ST B . -7.11 -5.84 6.72
O28 3ST B . -4.63 -4.99 5.77
N6 3ST B . -5.92 -6.69 6.68
C5 3ST B . -5.99 -8.03 7.15
O26 3ST B . -7.08 -8.46 7.58
N4 3ST B . -4.86 -8.91 7.13
C27 3ST B . -4.99 -10.28 7.63
N7 3ST B . -2.49 -9.04 6.54
C12 3ST B . -1.71 -4.88 2.80
N16 3ST B . 0.14 -7.90 4.36
C19 3ST B . 1.47 -8.42 2.01
O24 3ST B . 2.89 -8.07 0.16
N23 3ST B . 2.31 -10.19 0.50
CL CL C . -1.12 12.25 22.78
CL CL D . -1.25 15.11 22.20
CL CL E . -3.66 13.47 24.34
YB YB F . 14.73 29.05 -3.06
YB YB G . -1.01 14.13 24.82
#